data_2YEK
#
_entry.id   2YEK
#
_cell.length_a   116.243
_cell.length_b   55.639
_cell.length_c   66.231
_cell.angle_alpha   90.00
_cell.angle_beta   93.63
_cell.angle_gamma   90.00
#
_symmetry.space_group_name_H-M   'C 1 2 1'
#
loop_
_entity.id
_entity.type
_entity.pdbx_description
1 polymer 'BROMODOMAIN-CONTAINING PROTEIN 2'
2 non-polymer 2-[(4S)-6-(4-chlorophenyl)-8-methoxy-1-methyl-4H-[1,2,4]triazolo[4,3-a][1,4]benzodiazepin-4-yl]-N-ethylacetamide
3 non-polymer 'SULFATE ION'
4 water water
#
_entity_poly.entity_id   1
_entity_poly.type   'polypeptide(L)'
_entity_poly.pdbx_seq_one_letter_code
;GSSHHHHHHSSGLVPRGSHMSNPKKPGRVTNQLQYLHKVVMKALWKHQFAWPFRQPVDAVKLGLPDYHKIIKQPMDMGTI
KRRLENNYYWAASECMQDFNTMFTNCYIYNKPTDDIVLMAQTLEKIFLQKVASMPQEEQELVVTIPNSHKKGA
;
_entity_poly.pdbx_strand_id   A,B,C
#
# COMPACT_ATOMS: atom_id res chain seq x y z
N ARG A 28 -7.18 10.25 -15.13
CA ARG A 28 -7.16 11.25 -14.02
C ARG A 28 -5.97 11.09 -13.10
N VAL A 29 -5.47 12.22 -12.58
CA VAL A 29 -4.60 12.21 -11.42
C VAL A 29 -5.45 12.51 -10.19
N THR A 30 -5.33 11.66 -9.17
CA THR A 30 -5.96 11.86 -7.86
C THR A 30 -4.92 11.72 -6.74
N ASN A 31 -5.26 12.22 -5.56
CA ASN A 31 -4.38 12.04 -4.39
C ASN A 31 -4.03 10.57 -4.11
N GLN A 32 -5.01 9.68 -4.23
CA GLN A 32 -4.81 8.28 -3.96
C GLN A 32 -3.92 7.58 -5.02
N LEU A 33 -4.16 7.88 -6.30
CA LEU A 33 -3.36 7.36 -7.40
C LEU A 33 -1.92 7.87 -7.32
N GLN A 34 -1.75 9.10 -6.86
CA GLN A 34 -0.43 9.66 -6.66
C GLN A 34 0.31 8.85 -5.58
N TYR A 35 -0.40 8.56 -4.50
CA TYR A 35 0.14 7.75 -3.43
C TYR A 35 0.47 6.33 -3.91
N LEU A 36 -0.47 5.69 -4.61
CA LEU A 36 -0.24 4.34 -5.12
C LEU A 36 1.02 4.28 -5.98
N HIS A 37 1.23 5.31 -6.79
CA HIS A 37 2.40 5.40 -7.67
C HIS A 37 3.69 5.67 -6.88
N LYS A 38 3.66 6.71 -6.04
CA LYS A 38 4.89 7.21 -5.42
C LYS A 38 5.26 6.48 -4.14
N VAL A 39 4.30 5.82 -3.49
CA VAL A 39 4.59 5.03 -2.30
C VAL A 39 4.49 3.50 -2.51
N VAL A 40 3.37 3.02 -3.05
CA VAL A 40 3.14 1.57 -3.14
C VAL A 40 3.98 0.98 -4.25
N MET A 41 3.81 1.50 -5.47
CA MET A 41 4.61 1.02 -6.61
C MET A 41 6.11 1.27 -6.40
N LYS A 42 6.48 2.43 -5.87
CA LYS A 42 7.89 2.69 -5.58
C LYS A 42 8.50 1.59 -4.69
N ALA A 43 7.81 1.24 -3.62
CA ALA A 43 8.26 0.22 -2.65
C ALA A 43 8.29 -1.20 -3.26
N LEU A 44 7.25 -1.58 -4.00
CA LEU A 44 7.16 -2.94 -4.54
C LEU A 44 8.12 -3.17 -5.71
N TRP A 45 8.26 -2.17 -6.59
CA TRP A 45 9.08 -2.32 -7.79
C TRP A 45 10.54 -2.69 -7.49
N LYS A 46 11.10 -2.07 -6.46
CA LYS A 46 12.52 -2.23 -6.13
C LYS A 46 12.73 -3.35 -5.12
N HIS A 47 11.65 -3.95 -4.63
CA HIS A 47 11.77 -5.06 -3.67
C HIS A 47 12.57 -6.21 -4.29
N GLN A 48 13.32 -6.91 -3.45
CA GLN A 48 14.12 -8.07 -3.88
C GLN A 48 13.30 -9.24 -4.42
N PHE A 49 12.00 -9.30 -4.09
CA PHE A 49 11.12 -10.35 -4.59
C PHE A 49 10.23 -9.90 -5.75
N ALA A 50 10.44 -8.68 -6.23
CA ALA A 50 9.63 -8.08 -7.29
C ALA A 50 9.86 -8.66 -8.68
N TRP A 51 11.04 -9.19 -8.93
CA TRP A 51 11.47 -9.57 -10.28
C TRP A 51 10.54 -10.52 -11.11
N PRO A 52 9.86 -11.50 -10.47
CA PRO A 52 8.90 -12.27 -11.27
C PRO A 52 7.67 -11.48 -11.74
N PHE A 53 7.44 -10.32 -11.15
CA PHE A 53 6.22 -9.56 -11.37
C PHE A 53 6.45 -8.27 -12.13
N ARG A 54 7.68 -8.02 -12.55
CA ARG A 54 8.00 -6.74 -13.21
C ARG A 54 7.54 -6.66 -14.67
N GLN A 55 7.32 -7.82 -15.29
CA GLN A 55 6.88 -7.91 -16.69
C GLN A 55 5.77 -8.96 -16.72
N PRO A 56 4.92 -8.96 -17.78
CA PRO A 56 3.94 -10.03 -17.89
C PRO A 56 4.56 -11.42 -17.84
N VAL A 57 3.80 -12.38 -17.33
CA VAL A 57 4.22 -13.77 -17.35
C VAL A 57 4.44 -14.12 -18.81
N ASP A 58 5.64 -14.57 -19.14
CA ASP A 58 5.98 -14.98 -20.51
C ASP A 58 5.91 -16.50 -20.59
N ALA A 59 4.76 -17.00 -21.08
CA ALA A 59 4.47 -18.43 -21.12
C ALA A 59 5.43 -19.20 -22.02
N VAL A 60 5.93 -18.55 -23.07
CA VAL A 60 6.95 -19.16 -23.93
C VAL A 60 8.26 -19.33 -23.17
N LYS A 61 8.78 -18.25 -22.59
CA LYS A 61 10.04 -18.29 -21.83
C LYS A 61 9.99 -19.26 -20.65
N LEU A 62 8.82 -19.32 -20.00
CA LEU A 62 8.65 -20.13 -18.80
C LEU A 62 8.19 -21.55 -19.11
N GLY A 63 7.74 -21.78 -20.35
CA GLY A 63 7.30 -23.10 -20.76
C GLY A 63 5.99 -23.51 -20.10
N LEU A 64 5.01 -22.61 -20.19
CA LEU A 64 3.72 -22.76 -19.52
C LEU A 64 2.55 -22.75 -20.53
N PRO A 65 2.32 -23.87 -21.23
CA PRO A 65 1.30 -23.91 -22.28
C PRO A 65 -0.13 -23.75 -21.75
N ASP A 66 -0.31 -23.93 -20.45
CA ASP A 66 -1.62 -23.76 -19.83
C ASP A 66 -1.83 -22.40 -19.16
N TYR A 67 -0.79 -21.57 -19.07
CA TYR A 67 -0.90 -20.36 -18.24
C TYR A 67 -2.14 -19.52 -18.62
N HIS A 68 -2.29 -19.23 -19.91
CA HIS A 68 -3.35 -18.34 -20.37
C HIS A 68 -4.73 -19.01 -20.41
N LYS A 69 -4.73 -20.33 -20.35
CA LYS A 69 -5.97 -21.10 -20.17
C LYS A 69 -6.49 -20.93 -18.73
N ILE A 70 -5.59 -20.94 -17.75
CA ILE A 70 -5.99 -20.84 -16.34
C ILE A 70 -6.15 -19.39 -15.92
N ILE A 71 -5.24 -18.53 -16.35
CA ILE A 71 -5.26 -17.13 -15.97
C ILE A 71 -5.74 -16.27 -17.14
N LYS A 72 -6.98 -15.80 -17.02
CA LYS A 72 -7.66 -15.09 -18.10
C LYS A 72 -7.38 -13.60 -18.13
N GLN A 73 -6.97 -13.05 -16.98
CA GLN A 73 -6.58 -11.64 -16.91
C GLN A 73 -5.18 -11.49 -16.33
N PRO A 74 -4.16 -11.65 -17.19
CA PRO A 74 -2.80 -11.46 -16.68
C PRO A 74 -2.60 -10.02 -16.20
N MET A 75 -1.80 -9.85 -15.15
CA MET A 75 -1.41 -8.52 -14.69
C MET A 75 -0.02 -8.60 -14.07
N ASP A 76 0.68 -7.48 -14.10
CA ASP A 76 2.06 -7.41 -13.63
C ASP A 76 2.36 -5.97 -13.26
N MET A 77 3.43 -5.76 -12.51
N MET A 77 3.43 -5.79 -12.49
CA MET A 77 3.73 -4.40 -12.04
CA MET A 77 3.83 -4.46 -12.01
C MET A 77 4.29 -3.49 -13.12
C MET A 77 4.18 -3.53 -13.17
N GLY A 78 4.84 -4.05 -14.19
CA GLY A 78 5.21 -3.26 -15.39
C GLY A 78 4.01 -2.57 -16.02
N THR A 79 2.94 -3.33 -16.23
CA THR A 79 1.69 -2.79 -16.76
C THR A 79 1.06 -1.76 -15.84
N ILE A 80 1.03 -2.06 -14.55
CA ILE A 80 0.42 -1.15 -13.59
C ILE A 80 1.20 0.17 -13.54
N LYS A 81 2.53 0.08 -13.53
CA LYS A 81 3.39 1.24 -13.46
C LYS A 81 3.24 2.12 -14.70
N ARG A 82 3.14 1.49 -15.86
CA ARG A 82 2.91 2.21 -17.11
C ARG A 82 1.54 2.90 -17.07
N ARG A 83 0.53 2.20 -16.57
CA ARG A 83 -0.81 2.79 -16.43
C ARG A 83 -0.81 4.01 -15.50
N LEU A 84 -0.04 3.94 -14.41
CA LEU A 84 0.07 5.06 -13.47
C LEU A 84 0.83 6.23 -14.11
N GLU A 85 1.87 5.92 -14.89
CA GLU A 85 2.65 6.95 -15.57
C GLU A 85 1.85 7.64 -16.66
N ASN A 86 0.94 6.91 -17.29
CA ASN A 86 0.14 7.43 -18.40
C ASN A 86 -1.28 7.84 -18.02
N ASN A 87 -1.53 8.00 -16.71
CA ASN A 87 -2.85 8.40 -16.18
C ASN A 87 -4.00 7.57 -16.75
N TYR A 88 -3.79 6.25 -16.79
CA TYR A 88 -4.80 5.35 -17.32
C TYR A 88 -5.97 5.21 -16.35
N TYR A 89 -5.68 5.27 -15.06
CA TYR A 89 -6.72 5.04 -14.04
C TYR A 89 -7.56 6.28 -13.74
N TRP A 90 -8.86 6.07 -13.49
CA TRP A 90 -9.78 7.14 -13.08
C TRP A 90 -9.89 7.20 -11.56
N ALA A 91 -9.69 6.06 -10.90
CA ALA A 91 -9.75 5.98 -9.44
C ALA A 91 -8.75 4.97 -8.89
N ALA A 92 -8.27 5.23 -7.68
CA ALA A 92 -7.30 4.36 -7.04
C ALA A 92 -7.78 2.93 -6.92
N SER A 93 -9.09 2.75 -6.74
CA SER A 93 -9.66 1.42 -6.59
C SER A 93 -9.31 0.54 -7.81
N GLU A 94 -9.31 1.12 -9.01
CA GLU A 94 -9.00 0.36 -10.23
C GLU A 94 -7.57 -0.17 -10.23
N CYS A 95 -6.66 0.70 -9.82
CA CYS A 95 -5.25 0.34 -9.69
C CYS A 95 -5.05 -0.72 -8.60
N MET A 96 -5.73 -0.56 -7.47
CA MET A 96 -5.69 -1.56 -6.40
C MET A 96 -6.17 -2.92 -6.87
N GLN A 97 -7.23 -2.94 -7.70
CA GLN A 97 -7.74 -4.19 -8.28
C GLN A 97 -6.70 -4.86 -9.18
N ASP A 98 -5.95 -4.08 -9.96
CA ASP A 98 -4.87 -4.63 -10.78
C ASP A 98 -3.79 -5.31 -9.92
N PHE A 99 -3.38 -4.67 -8.84
CA PHE A 99 -2.40 -5.28 -7.93
C PHE A 99 -2.90 -6.61 -7.39
N ASN A 100 -4.16 -6.59 -6.95
CA ASN A 100 -4.81 -7.76 -6.40
C ASN A 100 -4.88 -8.89 -7.41
N THR A 101 -5.29 -8.55 -8.62
CA THR A 101 -5.35 -9.52 -9.72
C THR A 101 -3.98 -10.16 -9.93
N MET A 102 -2.93 -9.34 -9.96
CA MET A 102 -1.57 -9.87 -10.16
C MET A 102 -1.24 -10.92 -9.09
N PHE A 103 -1.53 -10.60 -7.82
CA PHE A 103 -1.20 -11.50 -6.72
C PHE A 103 -2.09 -12.73 -6.77
N THR A 104 -3.38 -12.53 -6.96
CA THR A 104 -4.31 -13.64 -7.06
C THR A 104 -3.98 -14.61 -8.19
N ASN A 105 -3.63 -14.08 -9.36
CA ASN A 105 -3.24 -14.94 -10.48
C ASN A 105 -2.12 -15.91 -10.03
N CYS A 106 -1.17 -15.32 -9.34
CA CYS A 106 -0.02 -16.05 -8.87
C CYS A 106 -0.43 -17.18 -7.94
N TYR A 107 -1.34 -16.89 -7.00
CA TYR A 107 -1.79 -17.90 -6.05
C TYR A 107 -2.59 -18.99 -6.72
N ILE A 108 -3.41 -18.62 -7.69
CA ILE A 108 -4.24 -19.55 -8.42
C ILE A 108 -3.42 -20.50 -9.30
N TYR A 109 -2.46 -19.93 -10.05
CA TYR A 109 -1.71 -20.73 -11.01
C TYR A 109 -0.71 -21.69 -10.35
N ASN A 110 -0.03 -21.22 -9.33
CA ASN A 110 1.06 -21.95 -8.77
C ASN A 110 0.64 -22.96 -7.70
N LYS A 111 1.57 -23.82 -7.35
CA LYS A 111 1.32 -24.79 -6.31
C LYS A 111 1.51 -24.14 -4.94
N PRO A 112 0.85 -24.69 -3.91
CA PRO A 112 0.93 -24.14 -2.56
C PRO A 112 2.37 -23.96 -2.05
N THR A 113 3.25 -24.90 -2.37
CA THR A 113 4.61 -24.88 -1.82
C THR A 113 5.64 -24.15 -2.68
N ASP A 114 5.20 -23.57 -3.81
CA ASP A 114 6.12 -22.86 -4.67
C ASP A 114 6.62 -21.60 -3.99
N ASP A 115 7.89 -21.30 -4.18
CA ASP A 115 8.53 -20.12 -3.59
C ASP A 115 7.86 -18.83 -3.99
N ILE A 116 7.34 -18.78 -5.22
CA ILE A 116 6.73 -17.57 -5.74
C ILE A 116 5.51 -17.17 -4.95
N VAL A 117 4.84 -18.14 -4.32
CA VAL A 117 3.71 -17.84 -3.45
C VAL A 117 4.17 -17.04 -2.23
N LEU A 118 5.29 -17.45 -1.64
N LEU A 118 5.28 -17.46 -1.63
CA LEU A 118 5.88 -16.76 -0.52
CA LEU A 118 5.89 -16.74 -0.51
C LEU A 118 6.36 -15.35 -0.91
C LEU A 118 6.33 -15.34 -0.93
N MET A 119 6.89 -15.22 -2.13
CA MET A 119 7.32 -13.94 -2.65
C MET A 119 6.12 -13.00 -2.86
N ALA A 120 5.06 -13.51 -3.49
CA ALA A 120 3.81 -12.75 -3.66
C ALA A 120 3.25 -12.27 -2.31
N GLN A 121 3.22 -13.20 -1.35
N GLN A 121 3.21 -13.17 -1.34
CA GLN A 121 2.70 -12.92 0.00
CA GLN A 121 2.68 -12.84 -0.02
C GLN A 121 3.46 -11.76 0.67
C GLN A 121 3.45 -11.71 0.64
N THR A 122 4.77 -11.73 0.51
CA THR A 122 5.61 -10.72 1.10
C THR A 122 5.33 -9.36 0.47
N LEU A 123 5.25 -9.34 -0.85
CA LEU A 123 4.91 -8.13 -1.57
C LEU A 123 3.49 -7.64 -1.26
N GLU A 124 2.54 -8.56 -1.21
CA GLU A 124 1.16 -8.19 -0.95
C GLU A 124 0.93 -7.65 0.45
N LYS A 125 1.65 -8.17 1.45
CA LYS A 125 1.59 -7.57 2.80
C LYS A 125 2.09 -6.12 2.80
N ILE A 126 3.15 -5.81 2.06
CA ILE A 126 3.60 -4.42 1.93
C ILE A 126 2.53 -3.58 1.24
N PHE A 127 1.97 -4.12 0.17
CA PHE A 127 0.84 -3.50 -0.53
C PHE A 127 -0.28 -3.13 0.45
N LEU A 128 -0.66 -4.08 1.31
CA LEU A 128 -1.73 -3.85 2.28
C LEU A 128 -1.36 -2.84 3.37
N GLN A 129 -0.14 -2.95 3.89
CA GLN A 129 0.36 -1.98 4.86
C GLN A 129 0.29 -0.56 4.32
N LYS A 130 0.77 -0.36 3.09
CA LYS A 130 0.76 0.97 2.49
C LYS A 130 -0.64 1.46 2.15
N VAL A 131 -1.51 0.58 1.66
CA VAL A 131 -2.88 0.95 1.32
C VAL A 131 -3.66 1.42 2.55
N ALA A 132 -3.36 0.83 3.70
CA ALA A 132 -4.01 1.21 4.97
C ALA A 132 -3.76 2.67 5.33
N SER A 133 -2.69 3.26 4.76
CA SER A 133 -2.31 4.65 5.04
C SER A 133 -2.46 5.61 3.85
N MET A 134 -3.23 5.19 2.85
CA MET A 134 -3.51 5.99 1.67
C MET A 134 -4.45 7.14 2.06
N PRO A 135 -4.33 8.32 1.41
CA PRO A 135 -5.28 9.41 1.64
C PRO A 135 -6.72 8.92 1.53
N GLN A 136 -7.60 9.36 2.44
CA GLN A 136 -8.87 8.65 2.70
C GLN A 136 -9.97 8.89 1.66
N GLU A 137 -10.06 10.13 1.17
CA GLU A 137 -11.09 10.53 0.23
C GLU A 137 -10.45 10.93 -1.07
N GLU A 138 -10.86 10.27 -2.14
CA GLU A 138 -10.28 10.51 -3.44
C GLU A 138 -10.75 11.85 -3.98
N GLN A 139 -9.80 12.62 -4.49
CA GLN A 139 -10.07 13.90 -5.11
C GLN A 139 -9.05 14.15 -6.22
N GLU A 140 -9.56 14.62 -7.35
CA GLU A 140 -8.75 14.90 -8.51
C GLU A 140 -7.76 16.02 -8.19
N LEU A 141 -6.51 15.87 -8.66
CA LEU A 141 -5.49 16.91 -8.50
C LEU A 141 -5.57 17.85 -9.71
N THR B 30 -8.93 1.85 17.14
CA THR B 30 -8.83 3.04 16.22
C THR B 30 -10.12 3.22 15.39
N ASN B 31 -10.25 4.42 14.83
CA ASN B 31 -11.32 4.75 13.87
C ASN B 31 -11.34 3.84 12.63
N GLN B 32 -10.14 3.45 12.19
CA GLN B 32 -9.97 2.57 11.03
C GLN B 32 -10.50 1.17 11.32
N LEU B 33 -10.19 0.65 12.51
CA LEU B 33 -10.71 -0.64 12.95
C LEU B 33 -12.23 -0.64 13.06
N GLN B 34 -12.80 0.47 13.55
N GLN B 34 -12.80 0.47 13.54
CA GLN B 34 -14.25 0.63 13.63
CA GLN B 34 -14.26 0.60 13.61
C GLN B 34 -14.84 0.56 12.22
C GLN B 34 -14.85 0.56 12.21
N TYR B 35 -14.18 1.20 11.26
CA TYR B 35 -14.59 1.16 9.86
C TYR B 35 -14.49 -0.28 9.27
N LEU B 36 -13.38 -0.96 9.55
CA LEU B 36 -13.22 -2.34 9.06
C LEU B 36 -14.31 -3.23 9.63
N HIS B 37 -14.69 -2.99 10.88
CA HIS B 37 -15.76 -3.75 11.52
C HIS B 37 -17.14 -3.35 11.02
N LYS B 38 -17.48 -2.08 11.17
CA LYS B 38 -18.85 -1.61 10.88
C LYS B 38 -19.16 -1.45 9.40
N VAL B 39 -18.16 -1.12 8.57
CA VAL B 39 -18.39 -0.93 7.13
C VAL B 39 -17.87 -2.09 6.31
N VAL B 40 -16.58 -2.37 6.39
CA VAL B 40 -15.98 -3.38 5.50
C VAL B 40 -16.55 -4.77 5.81
N MET B 41 -16.39 -5.20 7.05
CA MET B 41 -16.81 -6.55 7.43
C MET B 41 -18.31 -6.73 7.23
N LYS B 42 -19.09 -5.73 7.60
N LYS B 42 -19.11 -5.74 7.60
CA LYS B 42 -20.55 -5.79 7.49
CA LYS B 42 -20.56 -5.85 7.47
C LYS B 42 -21.00 -6.01 6.04
C LYS B 42 -20.97 -6.05 6.01
N ALA B 43 -20.38 -5.28 5.11
CA ALA B 43 -20.66 -5.41 3.66
C ALA B 43 -20.28 -6.77 3.11
N LEU B 44 -19.09 -7.25 3.49
CA LEU B 44 -18.66 -8.58 3.11
C LEU B 44 -19.55 -9.69 3.71
N TRP B 45 -19.85 -9.57 5.00
CA TRP B 45 -20.48 -10.66 5.75
C TRP B 45 -21.85 -11.06 5.19
N LYS B 46 -22.62 -10.06 4.77
CA LYS B 46 -24.00 -10.30 4.30
C LYS B 46 -24.08 -10.63 2.81
N HIS B 47 -22.95 -10.59 2.13
CA HIS B 47 -22.86 -10.91 0.71
C HIS B 47 -23.30 -12.36 0.44
N GLN B 48 -23.95 -12.54 -0.71
CA GLN B 48 -24.41 -13.86 -1.12
C GLN B 48 -23.30 -14.90 -1.28
N PHE B 49 -22.05 -14.46 -1.45
CA PHE B 49 -20.91 -15.37 -1.59
C PHE B 49 -20.12 -15.54 -0.29
N ALA B 50 -20.61 -14.98 0.81
CA ALA B 50 -19.86 -14.94 2.06
C ALA B 50 -19.92 -16.24 2.88
N TRP B 51 -20.93 -17.08 2.65
CA TRP B 51 -21.20 -18.23 3.53
C TRP B 51 -20.01 -19.18 3.77
N PRO B 52 -19.13 -19.39 2.76
CA PRO B 52 -18.00 -20.28 3.01
C PRO B 52 -16.94 -19.70 3.95
N PHE B 53 -16.98 -18.40 4.17
CA PHE B 53 -15.91 -17.64 4.83
C PHE B 53 -16.27 -17.10 6.23
N ARG B 54 -17.48 -17.36 6.71
CA ARG B 54 -17.94 -16.79 7.99
C ARG B 54 -17.49 -17.53 9.24
N GLN B 55 -16.94 -18.73 9.05
CA GLN B 55 -16.49 -19.56 10.15
C GLN B 55 -15.25 -20.32 9.68
N PRO B 56 -14.41 -20.81 10.61
CA PRO B 56 -13.24 -21.56 10.15
C PRO B 56 -13.64 -22.74 9.25
N VAL B 57 -12.79 -23.06 8.28
CA VAL B 57 -12.90 -24.30 7.53
C VAL B 57 -12.89 -25.48 8.52
N ASP B 58 -13.90 -26.34 8.42
CA ASP B 58 -13.99 -27.54 9.22
C ASP B 58 -13.57 -28.71 8.34
N ALA B 59 -12.29 -29.08 8.44
CA ALA B 59 -11.68 -30.06 7.56
C ALA B 59 -12.25 -31.47 7.75
N VAL B 60 -12.76 -31.78 8.94
CA VAL B 60 -13.41 -33.06 9.17
C VAL B 60 -14.75 -33.09 8.44
N LYS B 61 -15.58 -32.09 8.69
CA LYS B 61 -16.91 -32.00 8.10
C LYS B 61 -16.87 -31.95 6.57
N LEU B 62 -15.93 -31.19 6.03
CA LEU B 62 -15.80 -31.09 4.57
C LEU B 62 -15.01 -32.26 3.98
N GLY B 63 -14.42 -33.09 4.81
CA GLY B 63 -13.62 -34.23 4.35
C GLY B 63 -12.33 -33.80 3.68
N LEU B 64 -11.54 -32.99 4.38
CA LEU B 64 -10.31 -32.41 3.80
C LEU B 64 -9.11 -32.77 4.67
N PRO B 65 -8.63 -34.04 4.60
CA PRO B 65 -7.54 -34.47 5.47
C PRO B 65 -6.22 -33.76 5.18
N ASP B 66 -6.10 -33.16 4.01
CA ASP B 66 -4.91 -32.39 3.65
C ASP B 66 -5.04 -30.88 3.90
N TYR B 67 -6.19 -30.40 4.38
CA TYR B 67 -6.39 -28.94 4.45
C TYR B 67 -5.31 -28.26 5.29
N HIS B 68 -5.12 -28.74 6.51
CA HIS B 68 -4.17 -28.14 7.44
C HIS B 68 -2.72 -28.47 7.10
N LYS B 69 -2.49 -29.40 6.17
CA LYS B 69 -1.12 -29.61 5.66
C LYS B 69 -0.73 -28.49 4.68
N ILE B 70 -1.70 -28.09 3.89
CA ILE B 70 -1.50 -27.12 2.82
C ILE B 70 -1.63 -25.70 3.35
N ILE B 71 -2.63 -25.48 4.20
CA ILE B 71 -2.94 -24.17 4.76
C ILE B 71 -2.44 -24.11 6.21
N LYS B 72 -1.36 -23.37 6.41
CA LYS B 72 -0.69 -23.33 7.70
C LYS B 72 -1.25 -22.28 8.65
N GLN B 73 -1.94 -21.28 8.09
N GLN B 73 -1.88 -21.24 8.09
CA GLN B 73 -2.54 -20.21 8.87
CA GLN B 73 -2.56 -20.23 8.90
C GLN B 73 -4.01 -20.05 8.47
C GLN B 73 -4.01 -20.07 8.46
N PRO B 74 -4.89 -20.93 8.98
CA PRO B 74 -6.31 -20.79 8.64
C PRO B 74 -6.84 -19.42 9.08
N MET B 75 -7.75 -18.85 8.30
CA MET B 75 -8.36 -17.57 8.68
C MET B 75 -9.74 -17.47 8.06
N ASP B 76 -10.63 -16.75 8.75
CA ASP B 76 -12.01 -16.62 8.32
C ASP B 76 -12.60 -15.34 8.91
N MET B 77 -13.75 -14.90 8.40
N MET B 77 -13.75 -14.91 8.37
CA MET B 77 -14.31 -13.63 8.84
CA MET B 77 -14.38 -13.65 8.81
C MET B 77 -14.86 -13.65 10.27
C MET B 77 -14.77 -13.68 10.29
N GLY B 78 -15.25 -14.81 10.76
CA GLY B 78 -15.67 -14.98 12.16
C GLY B 78 -14.54 -14.72 13.13
N THR B 79 -13.37 -15.27 12.80
CA THR B 79 -12.19 -15.07 13.61
C THR B 79 -11.81 -13.60 13.60
N ILE B 80 -11.81 -12.99 12.42
CA ILE B 80 -11.49 -11.57 12.28
C ILE B 80 -12.49 -10.72 13.04
N LYS B 81 -13.77 -11.06 12.90
CA LYS B 81 -14.84 -10.30 13.55
C LYS B 81 -14.65 -10.37 15.07
N ARG B 82 -14.37 -11.56 15.59
CA ARG B 82 -14.17 -11.76 17.03
C ARG B 82 -12.97 -10.96 17.52
N ARG B 83 -11.89 -10.99 16.74
CA ARG B 83 -10.69 -10.24 17.03
C ARG B 83 -10.97 -8.74 17.06
N LEU B 84 -11.76 -8.24 16.11
CA LEU B 84 -12.14 -6.82 16.11
C LEU B 84 -12.94 -6.50 17.38
N GLU B 85 -13.84 -7.41 17.75
CA GLU B 85 -14.71 -7.19 18.91
C GLU B 85 -13.97 -7.32 20.25
N ASN B 86 -12.82 -8.00 20.25
CA ASN B 86 -12.01 -8.21 21.46
C ASN B 86 -10.79 -7.29 21.58
N ASN B 87 -10.70 -6.25 20.75
CA ASN B 87 -9.54 -5.35 20.70
C ASN B 87 -8.22 -6.08 20.52
N TYR B 88 -8.24 -7.10 19.66
CA TYR B 88 -7.04 -7.89 19.38
C TYR B 88 -6.05 -7.11 18.51
N TYR B 89 -6.56 -6.33 17.56
CA TYR B 89 -5.71 -5.63 16.61
C TYR B 89 -5.16 -4.31 17.15
N TRP B 90 -3.92 -4.04 16.78
CA TRP B 90 -3.25 -2.81 17.14
C TRP B 90 -3.26 -1.79 15.99
N ALA B 91 -3.37 -2.29 14.77
CA ALA B 91 -3.44 -1.46 13.57
C ALA B 91 -4.40 -2.06 12.55
N ALA B 92 -5.00 -1.19 11.75
CA ALA B 92 -5.86 -1.60 10.64
C ALA B 92 -5.16 -2.59 9.72
N SER B 93 -3.87 -2.34 9.47
N SER B 93 -3.87 -2.34 9.46
CA SER B 93 -3.06 -3.15 8.59
CA SER B 93 -3.09 -3.18 8.53
C SER B 93 -3.07 -4.64 8.97
C SER B 93 -3.05 -4.65 8.96
N GLU B 94 -3.00 -4.90 10.27
CA GLU B 94 -3.00 -6.26 10.80
C GLU B 94 -4.31 -6.98 10.48
N CYS B 95 -5.41 -6.26 10.63
CA CYS B 95 -6.74 -6.79 10.30
C CYS B 95 -6.83 -7.09 8.82
N MET B 96 -6.32 -6.16 8.02
CA MET B 96 -6.31 -6.31 6.57
C MET B 96 -5.52 -7.54 6.13
N GLN B 97 -4.39 -7.80 6.80
N GLN B 97 -4.39 -7.81 6.80
CA GLN B 97 -3.56 -8.99 6.53
CA GLN B 97 -3.58 -8.99 6.49
C GLN B 97 -4.35 -10.27 6.79
C GLN B 97 -4.33 -10.30 6.80
N ASP B 98 -5.15 -10.29 7.85
CA ASP B 98 -6.00 -11.42 8.15
C ASP B 98 -7.02 -11.66 7.03
N PHE B 99 -7.68 -10.60 6.55
CA PHE B 99 -8.56 -10.72 5.38
C PHE B 99 -7.80 -11.31 4.18
N ASN B 100 -6.60 -10.81 3.92
CA ASN B 100 -5.79 -11.30 2.81
C ASN B 100 -5.41 -12.78 2.98
N THR B 101 -5.09 -13.19 4.21
CA THR B 101 -4.73 -14.57 4.50
C THR B 101 -5.92 -15.47 4.19
N MET B 102 -7.11 -15.09 4.64
CA MET B 102 -8.32 -15.80 4.31
C MET B 102 -8.48 -16.01 2.80
N PHE B 103 -8.40 -14.93 2.02
CA PHE B 103 -8.57 -15.04 0.57
C PHE B 103 -7.46 -15.87 -0.07
N THR B 104 -6.22 -15.59 0.31
N THR B 104 -6.20 -15.60 0.30
CA THR B 104 -5.07 -16.31 -0.21
CA THR B 104 -5.09 -16.33 -0.28
C THR B 104 -5.16 -17.81 0.04
C THR B 104 -5.16 -17.82 0.03
N ASN B 105 -5.54 -18.18 1.26
CA ASN B 105 -5.72 -19.61 1.61
C ASN B 105 -6.68 -20.27 0.62
N CYS B 106 -7.79 -19.60 0.34
CA CYS B 106 -8.77 -20.10 -0.58
C CYS B 106 -8.18 -20.39 -1.97
N TYR B 107 -7.38 -19.44 -2.49
CA TYR B 107 -6.79 -19.59 -3.84
C TYR B 107 -5.72 -20.69 -3.85
N ILE B 108 -4.97 -20.78 -2.77
CA ILE B 108 -3.89 -21.75 -2.67
C ILE B 108 -4.44 -23.18 -2.56
N TYR B 109 -5.51 -23.38 -1.78
CA TYR B 109 -6.02 -24.71 -1.53
C TYR B 109 -6.84 -25.27 -2.68
N ASN B 110 -7.66 -24.42 -3.29
CA ASN B 110 -8.66 -24.86 -4.24
C ASN B 110 -8.14 -24.91 -5.65
N LYS B 111 -8.88 -25.58 -6.53
CA LYS B 111 -8.52 -25.63 -7.93
C LYS B 111 -8.92 -24.33 -8.58
N PRO B 112 -8.13 -23.88 -9.58
CA PRO B 112 -8.41 -22.63 -10.30
C PRO B 112 -9.86 -22.52 -10.79
N THR B 113 -10.43 -23.63 -11.23
CA THR B 113 -11.80 -23.66 -11.77
C THR B 113 -12.91 -23.80 -10.73
N ASP B 114 -12.58 -23.95 -9.45
CA ASP B 114 -13.60 -24.09 -8.42
C ASP B 114 -14.42 -22.80 -8.28
N ASP B 115 -15.74 -22.94 -8.05
CA ASP B 115 -16.62 -21.78 -7.83
C ASP B 115 -16.15 -20.91 -6.66
N ILE B 116 -15.60 -21.53 -5.61
CA ILE B 116 -15.15 -20.77 -4.43
C ILE B 116 -14.09 -19.73 -4.78
N VAL B 117 -13.30 -20.02 -5.80
CA VAL B 117 -12.29 -19.07 -6.25
C VAL B 117 -12.95 -17.78 -6.80
N LEU B 118 -13.99 -17.94 -7.60
N LEU B 118 -14.00 -17.94 -7.61
CA LEU B 118 -14.77 -16.81 -8.09
CA LEU B 118 -14.77 -16.79 -8.08
C LEU B 118 -15.41 -16.06 -6.93
C LEU B 118 -15.40 -16.05 -6.92
N MET B 119 -15.93 -16.80 -5.96
CA MET B 119 -16.60 -16.21 -4.79
C MET B 119 -15.63 -15.38 -3.98
N ALA B 120 -14.44 -15.94 -3.75
CA ALA B 120 -13.39 -15.21 -3.04
C ALA B 120 -12.98 -13.97 -3.80
N GLN B 121 -12.77 -14.11 -5.11
CA GLN B 121 -12.36 -13.00 -5.98
C GLN B 121 -13.35 -11.84 -5.87
N THR B 122 -14.64 -12.18 -5.96
CA THR B 122 -15.72 -11.18 -5.83
C THR B 122 -15.67 -10.48 -4.46
N LEU B 123 -15.58 -11.25 -3.38
CA LEU B 123 -15.53 -10.65 -2.05
C LEU B 123 -14.28 -9.79 -1.85
N GLU B 124 -13.17 -10.23 -2.42
CA GLU B 124 -11.87 -9.57 -2.27
C GLU B 124 -11.91 -8.21 -2.93
N LYS B 125 -12.55 -8.14 -4.10
CA LYS B 125 -12.74 -6.87 -4.80
C LYS B 125 -13.57 -5.86 -3.99
N ILE B 126 -14.67 -6.31 -3.38
CA ILE B 126 -15.44 -5.44 -2.48
C ILE B 126 -14.56 -4.97 -1.32
N PHE B 127 -13.80 -5.88 -0.74
CA PHE B 127 -12.88 -5.54 0.38
C PHE B 127 -11.97 -4.38 0.02
N LEU B 128 -11.32 -4.50 -1.14
CA LEU B 128 -10.42 -3.47 -1.63
C LEU B 128 -11.15 -2.17 -1.94
N GLN B 129 -12.32 -2.28 -2.56
N GLN B 129 -12.33 -2.27 -2.55
CA GLN B 129 -13.18 -1.12 -2.83
CA GLN B 129 -13.16 -1.10 -2.83
C GLN B 129 -13.49 -0.34 -1.57
C GLN B 129 -13.47 -0.33 -1.55
N LYS B 130 -13.92 -1.06 -0.54
CA LYS B 130 -14.29 -0.46 0.75
C LYS B 130 -13.06 0.07 1.48
N VAL B 131 -11.96 -0.68 1.43
CA VAL B 131 -10.72 -0.27 2.07
C VAL B 131 -10.17 1.03 1.48
N ALA B 132 -10.44 1.25 0.20
CA ALA B 132 -10.01 2.46 -0.49
C ALA B 132 -10.62 3.74 0.11
N SER B 133 -11.78 3.63 0.76
CA SER B 133 -12.45 4.77 1.43
C SER B 133 -12.33 4.73 2.93
N MET B 134 -11.42 3.89 3.45
CA MET B 134 -11.19 3.83 4.88
C MET B 134 -10.69 5.20 5.36
N PRO B 135 -11.25 5.69 6.48
CA PRO B 135 -10.75 6.96 7.02
C PRO B 135 -9.28 6.85 7.42
N GLN B 136 -8.59 7.98 7.43
CA GLN B 136 -7.19 8.01 7.87
C GLN B 136 -7.07 7.99 9.39
N THR C 30 29.64 21.15 14.24
CA THR C 30 29.15 19.93 13.55
C THR C 30 28.39 18.98 14.50
N ASN C 31 28.46 19.22 15.81
CA ASN C 31 27.58 18.54 16.75
C ASN C 31 26.09 18.83 16.47
N GLN C 32 25.77 20.09 16.17
CA GLN C 32 24.39 20.48 15.81
C GLN C 32 23.95 19.88 14.48
N LEU C 33 24.81 19.98 13.48
CA LEU C 33 24.52 19.42 12.16
C LEU C 33 24.43 17.89 12.22
N GLN C 34 25.28 17.27 13.03
CA GLN C 34 25.20 15.82 13.19
C GLN C 34 23.86 15.42 13.81
N TYR C 35 23.39 16.22 14.76
CA TYR C 35 22.06 16.04 15.34
C TYR C 35 20.96 16.19 14.28
N LEU C 36 21.02 17.27 13.50
CA LEU C 36 20.05 17.48 12.43
C LEU C 36 20.04 16.34 11.40
N HIS C 37 21.21 15.80 11.10
CA HIS C 37 21.31 14.67 10.18
C HIS C 37 20.80 13.38 10.83
N LYS C 38 21.40 13.01 11.96
CA LYS C 38 21.20 11.68 12.53
C LYS C 38 19.98 11.54 13.45
N VAL C 39 19.41 12.66 13.88
CA VAL C 39 18.18 12.63 14.69
C VAL C 39 16.99 13.25 13.94
N VAL C 40 17.14 14.48 13.46
CA VAL C 40 16.02 15.20 12.85
C VAL C 40 15.69 14.61 11.48
N MET C 41 16.68 14.54 10.58
CA MET C 41 16.44 14.04 9.23
C MET C 41 16.07 12.55 9.25
N LYS C 42 16.76 11.77 10.09
CA LYS C 42 16.48 10.35 10.24
C LYS C 42 14.99 10.12 10.51
N ALA C 43 14.42 10.91 11.42
CA ALA C 43 13.00 10.80 11.79
C ALA C 43 12.05 11.30 10.69
N LEU C 44 12.38 12.42 10.05
CA LEU C 44 11.51 13.00 9.04
C LEU C 44 11.52 12.17 7.76
N TRP C 45 12.72 11.73 7.35
CA TRP C 45 12.92 11.00 6.11
C TRP C 45 12.08 9.72 6.03
N LYS C 46 11.96 9.01 7.14
CA LYS C 46 11.23 7.74 7.14
C LYS C 46 9.77 7.86 7.54
N HIS C 47 9.33 9.06 7.91
CA HIS C 47 7.95 9.29 8.29
C HIS C 47 7.03 9.00 7.09
N GLN C 48 5.82 8.52 7.37
CA GLN C 48 4.85 8.16 6.33
C GLN C 48 4.37 9.33 5.45
N PHE C 49 4.57 10.57 5.90
CA PHE C 49 4.22 11.77 5.11
C PHE C 49 5.42 12.41 4.40
N ALA C 50 6.59 11.78 4.47
CA ALA C 50 7.82 12.28 3.83
C ALA C 50 7.81 12.23 2.30
N TRP C 51 7.06 11.28 1.73
CA TRP C 51 7.20 10.98 0.30
C TRP C 51 7.07 12.16 -0.67
N PRO C 52 6.14 13.10 -0.45
CA PRO C 52 6.10 14.25 -1.38
C PRO C 52 7.34 15.18 -1.31
N PHE C 53 8.12 15.03 -0.25
CA PHE C 53 9.23 15.93 0.04
C PHE C 53 10.61 15.31 -0.13
N ARG C 54 10.68 14.04 -0.54
CA ARG C 54 11.94 13.34 -0.60
C ARG C 54 12.76 13.70 -1.83
N GLN C 55 12.18 14.44 -2.76
CA GLN C 55 12.87 14.85 -3.97
C GLN C 55 12.32 16.20 -4.44
N PRO C 56 13.10 16.93 -5.24
CA PRO C 56 12.61 18.23 -5.72
C PRO C 56 11.24 18.08 -6.38
N VAL C 57 10.38 19.09 -6.24
CA VAL C 57 9.13 19.11 -6.99
C VAL C 57 9.46 19.13 -8.49
N ASP C 58 8.95 18.14 -9.22
CA ASP C 58 9.07 18.10 -10.68
C ASP C 58 7.80 18.72 -11.28
N ALA C 59 7.87 20.01 -11.56
CA ALA C 59 6.69 20.75 -12.00
C ALA C 59 6.16 20.26 -13.36
N VAL C 60 7.03 19.70 -14.20
CA VAL C 60 6.57 19.13 -15.48
C VAL C 60 5.81 17.81 -15.25
N LYS C 61 6.45 16.89 -14.54
CA LYS C 61 5.88 15.57 -14.22
C LYS C 61 4.58 15.71 -13.44
N LEU C 62 4.52 16.69 -12.53
CA LEU C 62 3.31 16.92 -11.72
C LEU C 62 2.23 17.73 -12.45
N GLY C 63 2.55 18.31 -13.61
CA GLY C 63 1.58 19.11 -14.35
C GLY C 63 1.26 20.42 -13.63
N LEU C 64 2.31 21.09 -13.16
CA LEU C 64 2.19 22.34 -12.40
C LEU C 64 2.95 23.46 -13.13
N PRO C 65 2.40 23.96 -14.25
CA PRO C 65 3.10 24.98 -15.05
C PRO C 65 3.43 26.26 -14.27
N ASP C 66 2.63 26.59 -13.26
CA ASP C 66 2.84 27.82 -12.48
C ASP C 66 3.71 27.62 -11.23
N TYR C 67 4.14 26.40 -10.94
CA TYR C 67 4.87 26.16 -9.69
C TYR C 67 6.05 27.09 -9.48
N HIS C 68 6.91 27.22 -10.48
CA HIS C 68 8.12 28.03 -10.34
C HIS C 68 7.86 29.52 -10.58
N LYS C 69 6.64 29.85 -11.02
CA LYS C 69 6.21 31.24 -11.05
C LYS C 69 5.84 31.67 -9.62
N ILE C 70 5.33 30.72 -8.83
CA ILE C 70 4.84 31.01 -7.47
C ILE C 70 5.96 30.83 -6.44
N ILE C 71 6.70 29.73 -6.59
CA ILE C 71 7.72 29.35 -5.64
C ILE C 71 9.10 29.73 -6.16
N LYS C 72 9.77 30.63 -5.45
CA LYS C 72 11.04 31.21 -5.91
C LYS C 72 12.27 30.41 -5.50
N GLN C 73 12.23 29.76 -4.34
N GLN C 73 12.23 29.77 -4.34
CA GLN C 73 13.36 28.97 -3.84
CA GLN C 73 13.35 28.96 -3.87
C GLN C 73 12.90 27.55 -3.50
C GLN C 73 12.87 27.55 -3.52
N PRO C 74 12.81 26.67 -4.52
CA PRO C 74 12.41 25.28 -4.26
C PRO C 74 13.35 24.62 -3.25
N MET C 75 12.81 23.72 -2.44
CA MET C 75 13.64 22.97 -1.51
C MET C 75 12.92 21.69 -1.14
N ASP C 76 13.70 20.68 -0.80
CA ASP C 76 13.19 19.36 -0.48
C ASP C 76 14.16 18.62 0.44
N MET C 77 13.68 17.53 1.04
CA MET C 77 14.47 16.78 2.01
C MET C 77 15.58 15.96 1.36
N GLY C 78 15.39 15.52 0.13
CA GLY C 78 16.47 14.84 -0.61
C GLY C 78 17.67 15.77 -0.75
N THR C 79 17.42 17.03 -1.11
CA THR C 79 18.45 18.04 -1.22
C THR C 79 19.11 18.31 0.14
N ILE C 80 18.30 18.45 1.18
CA ILE C 80 18.80 18.69 2.52
C ILE C 80 19.62 17.47 3.03
N LYS C 81 19.11 16.28 2.78
CA LYS C 81 19.81 15.06 3.18
C LYS C 81 21.19 14.97 2.50
N ARG C 82 21.23 15.15 1.19
CA ARG C 82 22.50 15.15 0.48
C ARG C 82 23.49 16.17 1.05
N ARG C 83 22.99 17.38 1.29
CA ARG C 83 23.80 18.45 1.89
C ARG C 83 24.36 18.06 3.25
N LEU C 84 23.53 17.45 4.08
CA LEU C 84 24.00 16.95 5.37
C LEU C 84 25.09 15.91 5.21
N GLU C 85 24.86 14.96 4.29
CA GLU C 85 25.81 13.88 4.05
C GLU C 85 27.12 14.42 3.50
N ASN C 86 27.04 15.46 2.68
CA ASN C 86 28.22 16.01 1.99
C ASN C 86 28.88 17.19 2.72
N ASN C 87 28.42 17.47 3.94
CA ASN C 87 28.95 18.57 4.77
C ASN C 87 28.81 19.96 4.14
N TYR C 88 27.74 20.15 3.37
CA TYR C 88 27.46 21.41 2.71
C TYR C 88 27.29 22.59 3.69
N TYR C 89 26.59 22.37 4.80
CA TYR C 89 26.18 23.45 5.70
C TYR C 89 27.32 23.88 6.64
N TRP C 90 27.36 25.17 6.96
CA TRP C 90 28.29 25.72 7.96
C TRP C 90 27.66 25.86 9.31
N ALA C 91 26.34 26.00 9.33
CA ALA C 91 25.61 26.29 10.53
C ALA C 91 24.29 25.53 10.50
N ALA C 92 23.88 25.03 11.68
CA ALA C 92 22.61 24.41 11.88
C ALA C 92 21.50 25.29 11.31
N SER C 93 21.58 26.59 11.54
CA SER C 93 20.56 27.54 11.08
C SER C 93 20.30 27.46 9.58
N GLU C 94 21.34 27.24 8.78
CA GLU C 94 21.18 27.13 7.32
C GLU C 94 20.36 25.90 6.96
N CYS C 95 20.60 24.79 7.66
CA CYS C 95 19.83 23.57 7.44
C CYS C 95 18.38 23.77 7.88
N MET C 96 18.22 24.36 9.06
CA MET C 96 16.91 24.71 9.60
C MET C 96 16.13 25.62 8.65
N GLN C 97 16.80 26.62 8.07
CA GLN C 97 16.13 27.47 7.06
C GLN C 97 15.67 26.67 5.84
N ASP C 98 16.49 25.70 5.37
CA ASP C 98 16.07 24.91 4.22
C ASP C 98 14.80 24.11 4.53
N PHE C 99 14.76 23.49 5.70
CA PHE C 99 13.52 22.78 6.11
C PHE C 99 12.32 23.74 6.10
N ASN C 100 12.49 24.89 6.73
CA ASN C 100 11.46 25.93 6.75
C ASN C 100 11.00 26.32 5.34
N THR C 101 11.96 26.51 4.43
CA THR C 101 11.62 26.88 3.05
C THR C 101 10.76 25.80 2.40
N MET C 102 11.17 24.54 2.59
CA MET C 102 10.41 23.43 2.04
C MET C 102 8.96 23.44 2.49
N PHE C 103 8.75 23.58 3.81
CA PHE C 103 7.40 23.61 4.38
C PHE C 103 6.61 24.82 3.89
N THR C 104 7.23 25.98 3.97
CA THR C 104 6.60 27.22 3.56
C THR C 104 6.17 27.18 2.08
N ASN C 105 7.05 26.74 1.18
CA ASN C 105 6.65 26.56 -0.23
C ASN C 105 5.38 25.76 -0.38
N CYS C 106 5.29 24.68 0.41
CA CYS C 106 4.13 23.79 0.34
C CYS C 106 2.86 24.53 0.76
N TYR C 107 2.94 25.26 1.87
CA TYR C 107 1.78 26.04 2.36
C TYR C 107 1.38 27.14 1.38
N ILE C 108 2.37 27.75 0.74
CA ILE C 108 2.11 28.88 -0.12
C ILE C 108 1.50 28.41 -1.43
N TYR C 109 2.02 27.31 -1.98
CA TYR C 109 1.53 26.85 -3.27
C TYR C 109 0.16 26.19 -3.19
N ASN C 110 -0.08 25.44 -2.14
CA ASN C 110 -1.24 24.55 -2.10
C ASN C 110 -2.44 25.21 -1.45
N LYS C 111 -3.60 24.59 -1.63
CA LYS C 111 -4.84 25.09 -1.04
C LYS C 111 -4.87 24.66 0.41
N PRO C 112 -5.52 25.45 1.28
CA PRO C 112 -5.55 25.13 2.71
C PRO C 112 -6.08 23.74 3.02
N THR C 113 -7.03 23.27 2.22
CA THR C 113 -7.73 22.01 2.48
C THR C 113 -7.00 20.80 1.88
N ASP C 114 -5.94 21.05 1.11
CA ASP C 114 -5.17 19.97 0.51
C ASP C 114 -4.57 19.02 1.53
N ASP C 115 -4.58 17.73 1.20
CA ASP C 115 -3.91 16.69 1.97
C ASP C 115 -2.49 17.09 2.34
N ILE C 116 -1.74 17.60 1.37
CA ILE C 116 -0.31 17.86 1.55
C ILE C 116 -0.02 18.93 2.62
N VAL C 117 -0.95 19.86 2.83
CA VAL C 117 -0.79 20.87 3.88
C VAL C 117 -0.76 20.21 5.25
N LEU C 118 -1.68 19.27 5.48
CA LEU C 118 -1.72 18.53 6.74
C LEU C 118 -0.45 17.71 6.91
N MET C 119 0.08 17.18 5.81
CA MET C 119 1.30 16.36 5.85
C MET C 119 2.48 17.20 6.28
N ALA C 120 2.63 18.36 5.63
CA ALA C 120 3.68 19.32 5.98
C ALA C 120 3.55 19.75 7.44
N GLN C 121 2.32 20.05 7.88
CA GLN C 121 2.09 20.50 9.25
C GLN C 121 2.60 19.50 10.26
N THR C 122 2.37 18.23 9.95
CA THR C 122 2.75 17.14 10.84
C THR C 122 4.27 16.97 10.92
N LEU C 123 4.90 16.94 9.75
CA LEU C 123 6.35 16.85 9.66
C LEU C 123 7.00 18.05 10.33
N GLU C 124 6.43 19.23 10.11
CA GLU C 124 7.05 20.44 10.64
C GLU C 124 6.99 20.50 12.17
N LYS C 125 5.88 20.04 12.75
CA LYS C 125 5.79 19.98 14.21
C LYS C 125 6.88 19.08 14.81
N ILE C 126 7.11 17.93 14.18
CA ILE C 126 8.19 17.02 14.57
C ILE C 126 9.55 17.68 14.41
N PHE C 127 9.76 18.33 13.26
CA PHE C 127 10.99 19.09 12.99
C PHE C 127 11.29 20.06 14.13
N LEU C 128 10.31 20.89 14.47
CA LEU C 128 10.46 21.87 15.56
C LEU C 128 10.66 21.27 16.95
N GLN C 129 9.91 20.22 17.25
CA GLN C 129 10.08 19.50 18.50
C GLN C 129 11.53 18.94 18.63
N LYS C 130 12.07 18.39 17.55
CA LYS C 130 13.44 17.84 17.60
C LYS C 130 14.46 18.94 17.72
N VAL C 131 14.25 20.04 17.00
CA VAL C 131 15.13 21.20 17.06
C VAL C 131 15.21 21.80 18.46
N ALA C 132 14.10 21.76 19.19
CA ALA C 132 14.10 22.27 20.56
C ALA C 132 15.09 21.51 21.47
N SER C 133 15.36 20.24 21.16
CA SER C 133 16.32 19.42 21.94
C SER C 133 17.70 19.27 21.27
N MET C 134 17.99 20.13 20.30
CA MET C 134 19.27 20.16 19.63
C MET C 134 20.30 20.81 20.55
N PRO C 135 21.58 20.39 20.45
CA PRO C 135 22.62 21.15 21.15
C PRO C 135 23.00 22.39 20.35
#